data_9FOC
#
_entry.id   9FOC
#
_cell.length_a   28.630
_cell.length_b   67.960
_cell.length_c   159.690
_cell.angle_alpha   90.00
_cell.angle_beta   90.00
_cell.angle_gamma   90.00
#
_symmetry.space_group_name_H-M   'P 21 21 21'
#
loop_
_entity.id
_entity.type
_entity.pdbx_description
1 polymer 'Histone-lysine N-methyltransferase NSD2'
2 non-polymer (2S)-1-[4-[[(3R)-1,1-bis(oxidanylidene)thiolan-3-yl]methyl-methyl-amino]-6-methyl-pyrimidin-2-yl]-N-methyl-pyrrolidine-2-carboxamide
3 non-polymer (2S)-1-[4-[[(3S)-1,1-bis(oxidanylidene)thiolan-3-yl]methyl-methyl-amino]-6-methyl-pyrimidin-2-yl]-N-methyl-pyrrolidine-2-carboxamide
4 water water
#
_entity_poly.entity_id   1
_entity_poly.type   'polypeptide(L)'
_entity_poly.pdbx_seq_one_letter_code
;MGGGPNTGRDKDHLLKYNVGDLVWSKVSGYPWWPCMVSADPLLHSYTKLKGQKKSARQYHVQFFGDAPERAWIFEKSLVA
FEGEGQFEKLCQESAKQAPTKAEKIKLLKPISGKLRAQWEMGIVQAEEAASMSVEERKAKFTFLYVGDQLHLNPQVAKEA
GIAAEGGGENLYFQGS
;
_entity_poly.pdbx_strand_id   A,B
#
# COMPACT_ATOMS: atom_id res chain seq x y z
N ASP A 12 -21.91 17.47 -6.50
CA ASP A 12 -21.08 17.91 -7.60
C ASP A 12 -21.38 19.41 -7.93
N HIS A 13 -20.32 20.14 -8.30
CA HIS A 13 -20.12 21.57 -8.68
C HIS A 13 -19.44 21.48 -10.08
N LEU A 14 -19.72 22.39 -11.03
CA LEU A 14 -19.00 22.34 -12.34
C LEU A 14 -17.57 22.88 -12.24
N LEU A 15 -17.33 23.83 -11.30
CA LEU A 15 -16.00 24.41 -11.04
C LEU A 15 -15.49 23.84 -9.73
N LYS A 16 -14.85 22.70 -9.82
CA LYS A 16 -14.40 21.95 -8.66
C LYS A 16 -13.34 22.70 -7.81
N TYR A 17 -12.50 23.57 -8.40
CA TYR A 17 -11.46 24.26 -7.65
C TYR A 17 -11.42 25.73 -7.94
N ASN A 18 -10.83 26.49 -7.03
CA ASN A 18 -10.64 27.92 -7.18
C ASN A 18 -9.19 28.32 -6.87
N VAL A 19 -8.76 29.52 -7.26
CA VAL A 19 -7.40 29.99 -6.97
C VAL A 19 -7.10 29.86 -5.46
N GLY A 20 -5.93 29.31 -5.11
CA GLY A 20 -5.59 29.12 -3.70
C GLY A 20 -5.89 27.75 -3.19
N ASP A 21 -6.74 26.98 -3.89
CA ASP A 21 -7.04 25.62 -3.43
C ASP A 21 -5.81 24.71 -3.50
N LEU A 22 -5.65 23.86 -2.51
CA LEU A 22 -4.52 22.92 -2.49
C LEU A 22 -4.99 21.61 -3.12
N VAL A 23 -4.20 21.10 -4.06
CA VAL A 23 -4.52 19.87 -4.77
C VAL A 23 -3.28 19.00 -4.97
N TRP A 24 -3.48 17.69 -5.14
CA TRP A 24 -2.43 16.79 -5.56
C TRP A 24 -2.60 16.78 -7.11
N SER A 25 -1.53 16.89 -7.87
CA SER A 25 -1.59 16.80 -9.35
C SER A 25 -0.79 15.62 -9.81
N LYS A 26 -1.22 15.00 -10.91
CA LYS A 26 -0.48 13.86 -11.48
C LYS A 26 -0.05 14.23 -12.86
N VAL A 27 1.28 14.33 -13.07
CA VAL A 27 1.91 14.62 -14.36
C VAL A 27 2.70 13.37 -14.76
N SER A 28 2.73 13.02 -16.04
CA SER A 28 3.44 11.82 -16.50
C SER A 28 4.90 11.85 -16.13
N GLY A 29 5.37 10.76 -15.55
CA GLY A 29 6.76 10.62 -15.12
C GLY A 29 7.03 11.05 -13.69
N TYR A 30 6.07 11.72 -13.05
CA TYR A 30 6.22 12.20 -11.69
C TYR A 30 5.23 11.54 -10.75
N PRO A 31 5.58 11.38 -9.48
CA PRO A 31 4.58 10.92 -8.52
C PRO A 31 3.52 12.02 -8.28
N TRP A 32 2.40 11.67 -7.60
CA TRP A 32 1.34 12.65 -7.25
C TRP A 32 2.04 13.77 -6.41
N TRP A 33 1.90 15.04 -6.83
CA TRP A 33 2.68 16.12 -6.26
C TRP A 33 1.79 17.20 -5.62
N PRO A 34 2.20 17.80 -4.47
CA PRO A 34 1.38 18.87 -3.86
C PRO A 34 1.50 20.15 -4.70
N CYS A 35 0.35 20.78 -4.93
CA CYS A 35 0.18 21.97 -5.75
C CYS A 35 -0.82 22.94 -5.15
N MET A 36 -0.88 24.13 -5.74
CA MET A 36 -1.90 25.12 -5.42
C MET A 36 -2.46 25.66 -6.74
N VAL A 37 -3.81 25.73 -6.86
CA VAL A 37 -4.43 26.27 -8.05
C VAL A 37 -4.10 27.74 -8.15
N SER A 38 -3.78 28.24 -9.37
CA SER A 38 -3.42 29.63 -9.45
C SER A 38 -3.76 30.22 -10.82
N ALA A 39 -3.71 31.56 -10.95
CA ALA A 39 -3.94 32.18 -12.27
C ALA A 39 -2.74 32.03 -13.20
N ASP A 40 -2.98 31.70 -14.47
CA ASP A 40 -1.90 31.60 -15.46
C ASP A 40 -1.33 33.01 -15.68
N PRO A 41 0.00 33.20 -15.74
CA PRO A 41 0.57 34.55 -15.91
C PRO A 41 0.15 35.26 -17.21
N LEU A 42 0.01 34.51 -18.31
CA LEU A 42 -0.30 35.09 -19.61
C LEU A 42 -1.79 35.28 -19.79
N LEU A 43 -2.58 34.25 -19.54
CA LEU A 43 -4.02 34.32 -19.75
C LEU A 43 -4.76 34.97 -18.61
N HIS A 44 -4.19 35.01 -17.40
CA HIS A 44 -4.91 35.51 -16.23
C HIS A 44 -6.14 34.65 -15.86
N SER A 45 -6.24 33.43 -16.38
CA SER A 45 -7.32 32.53 -16.03
C SER A 45 -6.76 31.34 -15.20
N TYR A 46 -7.59 30.68 -14.42
CA TYR A 46 -7.16 29.48 -13.67
C TYR A 46 -7.86 28.21 -14.16
N THR A 47 -8.88 28.34 -15.03
CA THR A 47 -9.60 27.19 -15.58
C THR A 47 -9.94 27.45 -17.04
N LYS A 48 -10.02 26.38 -17.82
CA LYS A 48 -10.35 26.46 -19.25
C LYS A 48 -10.72 25.06 -19.77
N LEU A 49 -11.31 25.00 -20.99
CA LEU A 49 -11.65 23.74 -21.66
C LEU A 49 -10.65 23.49 -22.77
N LYS A 50 -9.96 22.34 -22.76
CA LYS A 50 -8.99 22.01 -23.81
C LYS A 50 -9.75 21.81 -25.11
N GLY A 51 -9.37 22.60 -26.12
CA GLY A 51 -10.00 22.59 -27.44
C GLY A 51 -11.49 22.85 -27.39
N GLN A 52 -11.94 23.60 -26.37
CA GLN A 52 -13.33 23.94 -26.06
C GLN A 52 -14.29 22.73 -25.89
N LYS A 53 -13.78 21.56 -25.46
CA LYS A 53 -14.64 20.42 -25.17
C LYS A 53 -15.10 20.53 -23.69
N LYS A 54 -16.44 20.51 -23.41
CA LYS A 54 -16.89 20.64 -22.03
C LYS A 54 -16.46 19.49 -21.11
N SER A 55 -16.07 18.33 -21.67
CA SER A 55 -15.57 17.23 -20.83
C SER A 55 -14.03 17.28 -20.61
N ALA A 56 -13.38 18.31 -21.15
CA ALA A 56 -11.94 18.41 -21.05
C ALA A 56 -11.52 19.65 -20.24
N ARG A 57 -12.11 19.82 -19.04
CA ARG A 57 -11.72 20.98 -18.21
C ARG A 57 -10.32 20.77 -17.63
N GLN A 58 -9.57 21.85 -17.56
CA GLN A 58 -8.25 21.89 -16.99
C GLN A 58 -8.19 23.01 -15.97
N TYR A 59 -7.25 22.90 -15.03
CA TYR A 59 -6.98 23.93 -14.04
C TYR A 59 -5.49 24.26 -14.10
N HIS A 60 -5.14 25.52 -13.81
CA HIS A 60 -3.73 25.90 -13.78
C HIS A 60 -3.26 25.74 -12.35
N VAL A 61 -2.09 25.08 -12.14
CA VAL A 61 -1.54 24.85 -10.80
C VAL A 61 -0.05 25.24 -10.76
N GLN A 62 0.46 25.54 -9.57
CA GLN A 62 1.88 25.73 -9.39
C GLN A 62 2.31 24.64 -8.43
N PHE A 63 3.50 24.08 -8.62
CA PHE A 63 3.98 22.97 -7.79
C PHE A 63 4.76 23.47 -6.59
N PHE A 64 4.46 22.93 -5.37
CA PHE A 64 5.26 23.25 -4.18
C PHE A 64 6.58 22.44 -4.36
N GLY A 65 7.61 22.86 -3.65
CA GLY A 65 8.89 22.16 -3.71
C GLY A 65 10.08 23.09 -3.81
N ASP A 66 11.05 22.67 -4.59
CA ASP A 66 12.34 23.31 -4.78
C ASP A 66 12.29 24.55 -5.71
N ALA A 67 12.07 24.34 -7.01
CA ALA A 67 12.13 25.44 -7.98
C ALA A 67 10.73 25.71 -8.51
N PRO A 68 10.46 26.96 -8.86
CA PRO A 68 9.12 27.27 -9.41
C PRO A 68 8.78 26.41 -10.64
N GLU A 69 7.54 25.91 -10.67
CA GLU A 69 7.06 25.14 -11.80
C GLU A 69 5.52 25.28 -11.83
N ARG A 70 4.93 25.17 -13.01
CA ARG A 70 3.47 25.32 -13.17
C ARG A 70 3.00 24.52 -14.34
N ALA A 71 1.67 24.25 -14.43
CA ALA A 71 1.14 23.45 -15.54
C ALA A 71 -0.36 23.59 -15.60
N TRP A 72 -0.93 23.39 -16.80
CA TRP A 72 -2.37 23.24 -16.96
C TRP A 72 -2.60 21.71 -16.85
N ILE A 73 -3.49 21.28 -15.97
CA ILE A 73 -3.70 19.85 -15.70
C ILE A 73 -5.18 19.49 -15.89
N PHE A 74 -5.50 18.34 -16.49
CA PHE A 74 -6.89 17.88 -16.57
C PHE A 74 -7.46 17.67 -15.18
N GLU A 75 -8.73 18.04 -14.99
CA GLU A 75 -9.36 17.91 -13.69
C GLU A 75 -9.37 16.46 -13.19
N LYS A 76 -9.34 15.46 -14.10
CA LYS A 76 -9.25 14.06 -13.64
C LYS A 76 -7.85 13.68 -13.13
N SER A 77 -6.83 14.52 -13.36
CA SER A 77 -5.49 14.32 -12.79
C SER A 77 -5.26 15.21 -11.56
N LEU A 78 -6.32 15.67 -10.92
CA LEU A 78 -6.24 16.45 -9.69
C LEU A 78 -7.11 15.80 -8.63
N VAL A 79 -6.70 15.93 -7.35
CA VAL A 79 -7.44 15.45 -6.19
C VAL A 79 -7.27 16.50 -5.09
N ALA A 80 -8.35 16.91 -4.39
CA ALA A 80 -8.24 17.85 -3.27
C ALA A 80 -7.18 17.41 -2.25
N PHE A 81 -6.33 18.35 -1.80
CA PHE A 81 -5.25 18.01 -0.85
C PHE A 81 -5.76 18.22 0.55
N GLU A 82 -5.75 17.17 1.30
CA GLU A 82 -6.14 17.18 2.70
C GLU A 82 -4.85 17.03 3.53
N GLY A 83 -4.02 16.05 3.16
CA GLY A 83 -2.74 15.88 3.82
C GLY A 83 -1.85 14.83 3.22
N GLU A 84 -0.60 14.81 3.68
CA GLU A 84 0.42 13.85 3.28
C GLU A 84 -0.02 12.37 3.37
N GLY A 85 -0.91 12.06 4.33
CA GLY A 85 -1.43 10.71 4.53
C GLY A 85 -2.25 10.14 3.39
N GLN A 86 -2.74 11.01 2.50
CA GLN A 86 -3.50 10.61 1.32
C GLN A 86 -2.63 9.91 0.29
N PHE A 87 -1.34 10.24 0.24
CA PHE A 87 -0.42 9.74 -0.80
C PHE A 87 -0.50 8.24 -1.04
N GLU A 88 -0.55 7.44 0.04
CA GLU A 88 -0.63 5.98 -0.04
C GLU A 88 -1.85 5.53 -0.80
N LYS A 89 -3.04 6.04 -0.46
CA LYS A 89 -4.26 5.66 -1.18
C LYS A 89 -4.29 6.17 -2.62
N LEU A 90 -3.69 7.36 -2.88
CA LEU A 90 -3.63 7.95 -4.22
C LEU A 90 -2.81 7.12 -5.21
N CYS A 91 -1.67 6.57 -4.78
CA CYS A 91 -0.84 5.74 -5.66
C CYS A 91 -1.60 4.50 -6.18
N GLN A 92 -2.54 4.00 -5.38
CA GLN A 92 -3.40 2.86 -5.75
C GLN A 92 -4.82 3.34 -6.11
N SER A 112 13.65 8.39 -4.51
CA SER A 112 14.23 8.69 -5.81
C SER A 112 15.19 9.90 -5.75
N GLY A 113 16.14 9.85 -4.83
CA GLY A 113 17.17 10.87 -4.65
C GLY A 113 16.71 12.30 -4.61
N LYS A 114 17.09 13.08 -5.64
CA LYS A 114 16.76 14.50 -5.80
C LYS A 114 15.22 14.70 -5.83
N LEU A 115 14.51 13.85 -6.57
CA LEU A 115 13.06 13.95 -6.65
C LEU A 115 12.40 13.79 -5.27
N ARG A 116 12.90 12.89 -4.42
CA ARG A 116 12.37 12.66 -3.09
C ARG A 116 12.53 13.86 -2.18
N ALA A 117 13.73 14.46 -2.11
CA ALA A 117 13.97 15.65 -1.30
C ALA A 117 13.11 16.85 -1.76
N GLN A 118 12.89 17.00 -3.08
CA GLN A 118 12.04 18.08 -3.66
C GLN A 118 10.61 17.83 -3.25
N TRP A 119 10.14 16.56 -3.35
CA TRP A 119 8.78 16.19 -3.00
C TRP A 119 8.51 16.40 -1.51
N GLU A 120 9.49 16.04 -0.63
CA GLU A 120 9.35 16.21 0.80
C GLU A 120 9.24 17.67 1.18
N MET A 121 10.06 18.50 0.52
CA MET A 121 10.07 19.95 0.73
C MET A 121 8.70 20.54 0.36
N GLY A 122 8.15 20.06 -0.76
CA GLY A 122 6.81 20.43 -1.23
C GLY A 122 5.72 20.08 -0.23
N ILE A 123 5.77 18.88 0.34
CA ILE A 123 4.80 18.45 1.36
C ILE A 123 4.87 19.35 2.60
N VAL A 124 6.08 19.72 3.08
CA VAL A 124 6.21 20.63 4.22
C VAL A 124 5.52 21.97 3.90
N GLN A 125 5.76 22.52 2.70
CA GLN A 125 5.14 23.78 2.31
C GLN A 125 3.64 23.63 2.22
N ALA A 126 3.16 22.52 1.62
CA ALA A 126 1.71 22.32 1.42
C ALA A 126 1.00 22.18 2.76
N GLU A 127 1.65 21.48 3.70
CA GLU A 127 1.07 21.35 5.04
C GLU A 127 1.05 22.67 5.77
N GLU A 128 2.02 23.57 5.49
CA GLU A 128 2.00 24.89 6.12
C GLU A 128 0.88 25.76 5.50
N ALA A 129 0.74 25.69 4.16
CA ALA A 129 -0.29 26.42 3.45
C ALA A 129 -1.68 25.94 3.87
N ALA A 130 -1.85 24.67 4.20
CA ALA A 130 -3.17 24.12 4.58
C ALA A 130 -3.74 24.75 5.85
N SER A 131 -2.86 25.21 6.76
CA SER A 131 -3.33 25.84 8.00
C SER A 131 -3.59 27.34 7.84
N MET A 132 -3.27 27.92 6.67
CA MET A 132 -3.43 29.34 6.41
C MET A 132 -4.76 29.62 5.73
N SER A 133 -5.22 30.88 5.77
CA SER A 133 -6.43 31.27 5.07
C SER A 133 -6.04 31.29 3.56
N VAL A 134 -7.01 31.29 2.67
CA VAL A 134 -6.72 31.33 1.23
C VAL A 134 -6.00 32.63 0.85
N GLU A 135 -6.41 33.78 1.43
CA GLU A 135 -5.72 35.04 1.09
C GLU A 135 -4.26 35.04 1.56
N GLU A 136 -3.97 34.49 2.75
CA GLU A 136 -2.58 34.45 3.22
C GLU A 136 -1.77 33.45 2.39
N ARG A 137 -2.31 32.24 2.10
CA ARG A 137 -1.54 31.27 1.30
C ARG A 137 -1.25 31.80 -0.14
N LYS A 138 -2.19 32.55 -0.77
CA LYS A 138 -1.90 33.16 -2.09
C LYS A 138 -0.80 34.19 -1.98
N ALA A 139 -0.81 35.02 -0.90
CA ALA A 139 0.21 36.08 -0.78
C ALA A 139 1.61 35.51 -0.48
N LYS A 140 1.67 34.40 0.23
CA LYS A 140 2.97 33.83 0.58
C LYS A 140 3.56 32.93 -0.49
N PHE A 141 2.76 32.11 -1.17
CA PHE A 141 3.29 31.06 -2.03
C PHE A 141 3.18 31.28 -3.50
N THR A 142 2.29 32.22 -3.97
CA THR A 142 2.20 32.43 -5.42
C THR A 142 3.55 32.83 -6.03
N PHE A 143 4.01 32.10 -7.08
CA PHE A 143 5.32 32.44 -7.68
C PHE A 143 5.31 33.86 -8.25
N LEU A 144 6.48 34.53 -8.25
CA LEU A 144 6.63 35.87 -8.81
C LEU A 144 6.67 35.72 -10.36
N TYR A 145 5.88 36.53 -11.08
CA TYR A 145 5.82 36.45 -12.52
C TYR A 145 6.52 37.70 -13.03
N VAL A 146 7.61 37.54 -13.80
CA VAL A 146 8.36 38.67 -14.41
C VAL A 146 8.33 38.38 -15.89
N GLY A 147 7.33 38.92 -16.58
CA GLY A 147 7.08 38.58 -17.97
C GLY A 147 6.58 37.15 -18.02
N ASP A 148 7.26 36.27 -18.78
CA ASP A 148 6.89 34.85 -18.80
C ASP A 148 7.84 33.98 -17.94
N GLN A 149 8.69 34.62 -17.11
CA GLN A 149 9.59 33.90 -16.24
C GLN A 149 8.91 33.72 -14.88
N LEU A 150 9.03 32.54 -14.31
CA LEU A 150 8.49 32.18 -13.02
C LEU A 150 9.66 32.25 -12.05
N HIS A 151 9.53 33.03 -10.95
CA HIS A 151 10.54 33.16 -9.92
C HIS A 151 9.97 32.87 -8.50
N LEU A 152 10.84 32.69 -7.49
CA LEU A 152 10.35 32.46 -6.12
C LEU A 152 9.50 33.64 -5.64
N ASN A 153 8.51 33.35 -4.80
CA ASN A 153 7.73 34.39 -4.15
C ASN A 153 8.72 35.14 -3.21
N PRO A 154 8.80 36.48 -3.31
CA PRO A 154 9.80 37.21 -2.52
C PRO A 154 9.70 36.98 -1.02
N GLN A 155 8.51 36.65 -0.53
CA GLN A 155 8.30 36.35 0.89
C GLN A 155 8.95 34.96 1.25
N VAL A 156 8.80 33.95 0.37
CA VAL A 156 9.42 32.63 0.55
C VAL A 156 10.97 32.82 0.44
N ALA A 157 11.42 33.62 -0.53
CA ALA A 157 12.87 33.89 -0.71
C ALA A 157 13.49 34.52 0.54
N LYS A 158 12.81 35.54 1.12
CA LYS A 158 13.25 36.21 2.34
C LYS A 158 13.27 35.23 3.54
N GLU A 159 12.21 34.44 3.68
CA GLU A 159 12.12 33.43 4.72
C GLU A 159 13.31 32.41 4.64
N ALA A 160 13.71 32.00 3.43
CA ALA A 160 14.82 31.05 3.25
C ALA A 160 16.22 31.68 3.29
N GLY A 161 16.32 32.98 3.51
CA GLY A 161 17.60 33.68 3.57
C GLY A 161 18.25 33.94 2.22
N ILE A 162 17.47 33.93 1.13
CA ILE A 162 18.05 34.14 -0.20
C ILE A 162 18.41 35.63 -0.43
N LEU B 15 -18.42 -19.39 2.15
CA LEU B 15 -17.15 -19.51 2.89
C LEU B 15 -15.99 -19.10 1.99
N LYS B 16 -15.02 -18.34 2.53
CA LYS B 16 -13.87 -17.89 1.73
C LYS B 16 -12.93 -19.07 1.37
N TYR B 17 -12.80 -20.10 2.26
CA TYR B 17 -11.94 -21.25 1.98
C TYR B 17 -12.59 -22.61 2.24
N ASN B 18 -12.03 -23.66 1.67
CA ASN B 18 -12.44 -25.06 1.84
C ASN B 18 -11.16 -25.91 2.01
N VAL B 19 -11.30 -27.18 2.45
CA VAL B 19 -10.17 -28.08 2.60
C VAL B 19 -9.30 -28.15 1.31
N GLY B 20 -8.00 -27.94 1.47
CA GLY B 20 -7.06 -27.95 0.37
C GLY B 20 -6.63 -26.58 -0.12
N ASP B 21 -7.40 -25.52 0.21
CA ASP B 21 -7.04 -24.17 -0.22
C ASP B 21 -5.75 -23.72 0.42
N LEU B 22 -4.91 -23.03 -0.35
CA LEU B 22 -3.62 -22.53 0.08
C LEU B 22 -3.76 -21.07 0.51
N VAL B 23 -3.25 -20.77 1.70
CA VAL B 23 -3.30 -19.46 2.32
C VAL B 23 -1.94 -19.09 2.95
N TRP B 24 -1.71 -17.80 3.15
CA TRP B 24 -0.59 -17.32 3.93
C TRP B 24 -1.20 -17.11 5.35
N SER B 25 -0.42 -17.35 6.43
CA SER B 25 -0.85 -17.14 7.82
C SER B 25 0.19 -16.33 8.53
N LYS B 26 -0.24 -15.42 9.40
CA LYS B 26 0.67 -14.63 10.18
C LYS B 26 0.45 -14.99 11.64
N VAL B 27 1.44 -15.61 12.27
CA VAL B 27 1.38 -16.04 13.66
C VAL B 27 2.43 -15.25 14.42
N SER B 28 2.15 -14.85 15.68
CA SER B 28 3.12 -14.09 16.48
C SER B 28 4.39 -14.88 16.69
N GLY B 29 5.50 -14.25 16.36
CA GLY B 29 6.81 -14.89 16.51
C GLY B 29 7.41 -15.43 15.22
N TYR B 30 6.61 -15.42 14.11
CA TYR B 30 7.05 -15.97 12.81
C TYR B 30 6.76 -15.05 11.68
N PRO B 31 7.53 -15.14 10.56
CA PRO B 31 7.16 -14.37 9.37
C PRO B 31 5.87 -14.92 8.76
N TRP B 32 5.29 -14.19 7.77
CA TRP B 32 4.14 -14.70 6.99
C TRP B 32 4.51 -16.07 6.40
N TRP B 33 3.65 -17.07 6.60
CA TRP B 33 4.03 -18.45 6.29
C TRP B 33 3.02 -19.17 5.39
N PRO B 34 3.49 -19.99 4.42
CA PRO B 34 2.55 -20.70 3.53
C PRO B 34 1.87 -21.87 4.24
N CYS B 35 0.58 -22.01 4.02
CA CYS B 35 -0.25 -23.00 4.70
C CYS B 35 -1.27 -23.62 3.74
N MET B 36 -1.96 -24.67 4.25
CA MET B 36 -3.07 -25.34 3.57
C MET B 36 -4.22 -25.56 4.56
N VAL B 37 -5.42 -25.16 4.20
CA VAL B 37 -6.62 -25.43 5.02
C VAL B 37 -6.87 -26.96 5.06
N SER B 38 -7.15 -27.48 6.25
CA SER B 38 -7.35 -28.91 6.40
C SER B 38 -8.33 -29.21 7.52
N ALA B 39 -8.83 -30.42 7.55
CA ALA B 39 -9.73 -30.85 8.61
C ALA B 39 -9.00 -31.07 9.93
N ASP B 40 -9.56 -30.55 11.06
CA ASP B 40 -8.97 -30.76 12.38
C ASP B 40 -9.03 -32.28 12.70
N PRO B 41 -7.95 -32.85 13.26
CA PRO B 41 -7.93 -34.30 13.54
C PRO B 41 -8.93 -34.79 14.60
N LEU B 42 -9.36 -33.91 15.50
CA LEU B 42 -10.33 -34.30 16.52
C LEU B 42 -11.76 -33.92 16.10
N LEU B 43 -11.95 -32.71 15.58
CA LEU B 43 -13.30 -32.22 15.26
C LEU B 43 -13.82 -32.62 13.91
N HIS B 44 -12.92 -32.95 12.99
CA HIS B 44 -13.21 -33.26 11.60
C HIS B 44 -13.73 -32.05 10.79
N SER B 45 -13.67 -30.83 11.36
CA SER B 45 -14.11 -29.61 10.69
C SER B 45 -12.89 -28.77 10.31
N TYR B 46 -13.04 -27.93 9.31
CA TYR B 46 -11.95 -27.04 8.86
C TYR B 46 -12.30 -25.55 9.12
N THR B 47 -13.53 -25.24 9.57
CA THR B 47 -13.92 -23.88 9.87
C THR B 47 -14.86 -23.86 11.06
N LYS B 48 -14.83 -22.78 11.84
CA LYS B 48 -15.70 -22.59 13.02
C LYS B 48 -15.73 -21.13 13.43
N LEU B 49 -16.64 -20.75 14.31
CA LEU B 49 -16.74 -19.39 14.82
C LEU B 49 -16.27 -19.38 16.28
N LYS B 50 -15.35 -18.47 16.65
CA LYS B 50 -14.89 -18.38 18.04
C LYS B 50 -16.07 -17.87 18.88
N GLY B 51 -16.60 -18.77 19.71
CA GLY B 51 -17.84 -18.52 20.43
C GLY B 51 -18.89 -18.85 19.41
N GLN B 52 -19.45 -17.80 18.80
CA GLN B 52 -20.41 -17.89 17.71
C GLN B 52 -20.52 -16.54 16.95
N LYS B 53 -19.49 -15.68 17.04
CA LYS B 53 -19.48 -14.39 16.40
C LYS B 53 -19.16 -14.56 14.94
N LYS B 54 -20.05 -14.07 14.06
CA LYS B 54 -19.87 -14.15 12.61
C LYS B 54 -18.58 -13.44 12.17
N SER B 55 -18.19 -12.37 12.88
CA SER B 55 -16.97 -11.61 12.61
C SER B 55 -15.73 -12.23 13.31
N ALA B 56 -15.80 -13.48 13.76
CA ALA B 56 -14.66 -14.14 14.41
C ALA B 56 -14.50 -15.56 13.86
N ARG B 57 -14.56 -15.70 12.53
CA ARG B 57 -14.39 -17.01 11.90
C ARG B 57 -12.94 -17.44 11.95
N GLN B 58 -12.72 -18.74 12.13
CA GLN B 58 -11.38 -19.29 12.11
C GLN B 58 -11.32 -20.44 11.09
N TYR B 59 -10.12 -20.80 10.66
CA TYR B 59 -9.90 -21.96 9.81
C TYR B 59 -8.75 -22.77 10.38
N HIS B 60 -8.82 -24.11 10.28
CA HIS B 60 -7.74 -24.99 10.71
C HIS B 60 -6.76 -25.11 9.54
N VAL B 61 -5.45 -24.90 9.79
CA VAL B 61 -4.48 -24.98 8.70
C VAL B 61 -3.27 -25.83 9.11
N GLN B 62 -2.57 -26.37 8.09
CA GLN B 62 -1.25 -27.01 8.26
C GLN B 62 -0.25 -25.99 7.78
N PHE B 63 0.90 -25.87 8.47
CA PHE B 63 1.95 -24.99 7.95
C PHE B 63 2.89 -25.86 7.17
N PHE B 64 3.21 -25.45 5.92
CA PHE B 64 4.20 -26.19 5.15
C PHE B 64 5.59 -25.95 5.79
N GLY B 65 6.53 -26.85 5.53
CA GLY B 65 7.87 -26.71 6.08
C GLY B 65 8.51 -28.05 6.33
N ASP B 66 9.59 -28.06 7.09
CA ASP B 66 10.35 -29.31 7.34
C ASP B 66 9.87 -30.15 8.51
N ALA B 67 8.84 -29.71 9.21
CA ALA B 67 8.22 -30.45 10.33
C ALA B 67 6.74 -30.06 10.35
N PRO B 68 5.86 -30.94 10.84
CA PRO B 68 4.42 -30.61 10.86
C PRO B 68 4.07 -29.62 11.94
N GLU B 69 3.13 -28.73 11.64
CA GLU B 69 2.59 -27.77 12.60
C GLU B 69 1.19 -27.41 12.13
N ARG B 70 0.26 -27.24 13.05
CA ARG B 70 -1.15 -26.95 12.70
C ARG B 70 -1.75 -25.97 13.69
N ALA B 71 -2.75 -25.19 13.28
CA ALA B 71 -3.37 -24.22 14.20
C ALA B 71 -4.70 -23.81 13.68
N TRP B 72 -5.60 -23.38 14.56
CA TRP B 72 -6.84 -22.72 14.20
C TRP B 72 -6.42 -21.22 14.14
N ILE B 73 -6.70 -20.56 13.02
CA ILE B 73 -6.28 -19.19 12.81
C ILE B 73 -7.47 -18.36 12.36
N PHE B 74 -7.57 -17.11 12.85
CA PHE B 74 -8.63 -16.21 12.42
C PHE B 74 -8.53 -15.93 10.94
N GLU B 75 -9.67 -15.93 10.26
CA GLU B 75 -9.75 -15.62 8.84
C GLU B 75 -9.08 -14.24 8.50
N LYS B 76 -9.03 -13.29 9.50
CA LYS B 76 -8.38 -11.98 9.31
C LYS B 76 -6.85 -12.06 9.28
N SER B 77 -6.27 -13.15 9.79
CA SER B 77 -4.82 -13.34 9.73
C SER B 77 -4.40 -14.23 8.54
N LEU B 78 -5.33 -14.52 7.61
CA LEU B 78 -5.02 -15.34 6.43
C LEU B 78 -5.18 -14.49 5.18
N VAL B 79 -4.41 -14.78 4.14
CA VAL B 79 -4.48 -14.09 2.85
C VAL B 79 -4.39 -15.20 1.79
N ALA B 80 -5.30 -15.26 0.79
CA ALA B 80 -5.24 -16.29 -0.26
C ALA B 80 -3.83 -16.41 -0.88
N PHE B 81 -3.27 -17.65 -0.98
CA PHE B 81 -1.92 -17.86 -1.52
C PHE B 81 -1.96 -17.96 -3.05
N GLU B 82 -1.23 -17.08 -3.70
CA GLU B 82 -1.08 -17.02 -5.16
C GLU B 82 0.36 -17.34 -5.59
N GLY B 83 1.35 -16.99 -4.76
CA GLY B 83 2.75 -17.26 -5.04
C GLY B 83 3.69 -16.55 -4.09
N GLU B 84 4.96 -16.95 -4.07
CA GLU B 84 5.98 -16.32 -3.20
C GLU B 84 6.08 -14.80 -3.40
N GLY B 85 5.82 -14.33 -4.61
CA GLY B 85 5.88 -12.90 -4.93
C GLY B 85 5.05 -12.01 -4.04
N GLN B 86 4.04 -12.57 -3.33
CA GLN B 86 3.22 -11.76 -2.43
C GLN B 86 3.97 -11.43 -1.12
N PHE B 87 4.95 -12.25 -0.72
CA PHE B 87 5.67 -12.10 0.56
C PHE B 87 6.17 -10.69 0.85
N GLU B 88 6.88 -10.05 -0.10
CA GLU B 88 7.39 -8.70 0.12
C GLU B 88 6.30 -7.69 0.48
N LYS B 89 5.16 -7.71 -0.23
CA LYS B 89 4.05 -6.80 0.05
C LYS B 89 3.38 -7.10 1.39
N LEU B 90 3.28 -8.41 1.76
CA LEU B 90 2.69 -8.81 3.05
C LEU B 90 3.50 -8.22 4.19
N CYS B 91 4.84 -8.32 4.11
CA CYS B 91 5.76 -7.75 5.09
C CYS B 91 5.60 -6.23 5.19
N GLN B 92 5.51 -5.56 4.05
CA GLN B 92 5.40 -4.10 4.02
C GLN B 92 4.09 -3.61 4.61
N GLU B 93 2.99 -4.30 4.33
CA GLU B 93 1.67 -3.94 4.85
C GLU B 93 1.63 -4.17 6.36
N SER B 94 2.21 -5.30 6.82
CA SER B 94 2.24 -5.57 8.26
C SER B 94 3.17 -4.57 8.98
N ALA B 95 4.27 -4.15 8.33
CA ALA B 95 5.21 -3.17 8.91
C ALA B 95 4.59 -1.79 9.04
N LYS B 96 3.70 -1.43 8.11
CA LYS B 96 2.94 -0.19 8.11
C LYS B 96 2.05 -0.11 9.36
N GLN B 97 1.61 -1.25 9.91
CA GLN B 97 0.77 -1.26 11.10
C GLN B 97 1.42 -1.86 12.33
N ALA B 98 2.76 -1.94 12.36
CA ALA B 98 3.48 -2.45 13.52
C ALA B 98 3.68 -1.29 14.48
N PRO B 99 3.46 -1.51 15.79
CA PRO B 99 3.60 -0.41 16.75
C PRO B 99 5.02 0.12 16.94
N THR B 100 5.97 -0.78 17.19
CA THR B 100 7.35 -0.43 17.52
C THR B 100 8.32 -0.54 16.33
N LYS B 101 9.49 0.10 16.47
CA LYS B 101 10.56 0.04 15.48
C LYS B 101 11.08 -1.40 15.37
N ALA B 102 11.18 -2.11 16.51
CA ALA B 102 11.66 -3.49 16.59
C ALA B 102 10.76 -4.44 15.77
N GLU B 103 9.44 -4.24 15.86
CA GLU B 103 8.48 -5.08 15.13
C GLU B 103 8.60 -4.84 13.62
N LYS B 104 8.84 -3.56 13.23
CA LYS B 104 9.01 -3.19 11.83
C LYS B 104 10.28 -3.84 11.29
N ILE B 105 11.36 -3.86 12.10
CA ILE B 105 12.62 -4.50 11.70
C ILE B 105 12.40 -6.00 11.48
N LYS B 106 11.67 -6.68 12.38
CA LYS B 106 11.42 -8.12 12.21
C LYS B 106 10.66 -8.46 10.95
N LEU B 107 9.79 -7.56 10.51
CA LEU B 107 9.00 -7.78 9.32
C LEU B 107 9.77 -7.39 8.06
N LEU B 108 10.56 -6.32 8.12
CA LEU B 108 11.26 -5.82 6.92
C LEU B 108 12.66 -6.42 6.69
N LYS B 109 13.31 -6.96 7.71
CA LYS B 109 14.65 -7.54 7.53
C LYS B 109 14.55 -8.90 6.87
N PRO B 110 15.27 -9.12 5.77
CA PRO B 110 15.21 -10.43 5.10
C PRO B 110 15.56 -11.60 6.03
N ILE B 111 14.84 -12.70 5.87
CA ILE B 111 15.04 -13.92 6.66
C ILE B 111 16.38 -14.58 6.27
N SER B 112 17.11 -15.15 7.24
CA SER B 112 18.37 -15.82 6.93
C SER B 112 18.63 -17.03 7.84
N GLY B 113 19.66 -17.81 7.52
CA GLY B 113 20.01 -18.97 8.31
C GLY B 113 18.96 -20.06 8.33
N LYS B 114 18.94 -20.83 9.42
CA LYS B 114 18.01 -21.96 9.62
C LYS B 114 16.54 -21.62 9.32
N LEU B 115 16.07 -20.47 9.80
CA LEU B 115 14.70 -20.06 9.57
C LEU B 115 14.39 -19.86 8.08
N ARG B 116 15.36 -19.33 7.34
CA ARG B 116 15.21 -19.14 5.91
C ARG B 116 15.09 -20.48 5.20
N ALA B 117 15.95 -21.47 5.55
CA ALA B 117 15.89 -22.79 4.89
C ALA B 117 14.53 -23.47 5.16
N GLN B 118 14.01 -23.35 6.40
CA GLN B 118 12.69 -23.88 6.77
C GLN B 118 11.59 -23.23 5.96
N TRP B 119 11.61 -21.87 5.88
CA TRP B 119 10.59 -21.12 5.17
C TRP B 119 10.64 -21.44 3.64
N GLU B 120 11.86 -21.54 3.09
CA GLU B 120 12.10 -21.91 1.67
C GLU B 120 11.51 -23.28 1.37
N MET B 121 11.65 -24.21 2.32
CA MET B 121 11.08 -25.55 2.17
C MET B 121 9.55 -25.46 2.20
N GLY B 122 8.99 -24.58 3.02
CA GLY B 122 7.55 -24.34 3.05
C GLY B 122 7.05 -23.80 1.71
N ILE B 123 7.77 -22.81 1.16
CA ILE B 123 7.39 -22.16 -0.08
C ILE B 123 7.47 -23.15 -1.26
N VAL B 124 8.53 -23.98 -1.33
CA VAL B 124 8.65 -24.94 -2.43
C VAL B 124 7.47 -25.94 -2.39
N GLN B 125 7.08 -26.37 -1.16
CA GLN B 125 5.95 -27.28 -1.01
C GLN B 125 4.66 -26.59 -1.41
N ALA B 126 4.46 -25.32 -1.01
CA ALA B 126 3.24 -24.57 -1.36
C ALA B 126 3.10 -24.35 -2.90
N GLU B 127 4.23 -24.04 -3.56
CA GLU B 127 4.19 -23.82 -5.00
C GLU B 127 3.89 -25.13 -5.75
N GLU B 128 4.42 -26.27 -5.26
CA GLU B 128 4.17 -27.62 -5.78
C GLU B 128 2.68 -27.92 -5.60
N ALA B 129 2.15 -27.68 -4.38
CA ALA B 129 0.73 -27.88 -4.07
C ALA B 129 -0.16 -27.06 -5.00
N ALA B 130 0.21 -25.79 -5.26
CA ALA B 130 -0.62 -24.94 -6.15
C ALA B 130 -0.69 -25.49 -7.58
N SER B 131 0.31 -26.23 -8.01
CA SER B 131 0.33 -26.79 -9.37
C SER B 131 -0.42 -28.15 -9.47
N MET B 132 -0.86 -28.70 -8.34
CA MET B 132 -1.59 -29.96 -8.28
C MET B 132 -3.11 -29.70 -8.19
N SER B 133 -3.94 -30.72 -8.52
CA SER B 133 -5.39 -30.57 -8.27
C SER B 133 -5.58 -30.57 -6.71
N VAL B 134 -6.77 -30.20 -6.25
CA VAL B 134 -7.07 -30.19 -4.80
C VAL B 134 -7.00 -31.64 -4.26
N GLU B 135 -7.50 -32.65 -5.04
CA GLU B 135 -7.43 -34.04 -4.58
C GLU B 135 -5.99 -34.54 -4.43
N GLU B 136 -5.15 -34.26 -5.43
CA GLU B 136 -3.76 -34.68 -5.37
C GLU B 136 -3.02 -33.96 -4.21
N ARG B 137 -3.23 -32.62 -4.03
CA ARG B 137 -2.49 -31.93 -2.96
C ARG B 137 -2.88 -32.43 -1.57
N LYS B 138 -4.15 -32.77 -1.36
CA LYS B 138 -4.59 -33.34 -0.06
C LYS B 138 -3.93 -34.71 0.14
N ALA B 139 -3.84 -35.51 -0.93
CA ALA B 139 -3.22 -36.84 -0.80
C ALA B 139 -1.72 -36.77 -0.53
N LYS B 140 -1.05 -35.73 -1.07
CA LYS B 140 0.38 -35.60 -0.93
C LYS B 140 0.88 -34.73 0.23
N PHE B 141 0.01 -33.85 0.80
CA PHE B 141 0.50 -32.98 1.86
C PHE B 141 -0.21 -33.13 3.18
N THR B 142 -1.41 -33.76 3.23
CA THR B 142 -2.10 -33.91 4.55
C THR B 142 -1.25 -34.71 5.53
N PHE B 143 -1.11 -34.20 6.77
CA PHE B 143 -0.25 -34.86 7.74
C PHE B 143 -0.85 -36.21 8.17
N LEU B 144 0.00 -37.08 8.75
CA LEU B 144 -0.40 -38.33 9.38
C LEU B 144 -0.50 -38.03 10.87
N TYR B 145 -1.64 -38.40 11.50
CA TYR B 145 -1.90 -38.24 12.93
C TYR B 145 -1.86 -39.63 13.49
N VAL B 146 -0.81 -39.95 14.26
CA VAL B 146 -0.58 -41.31 14.76
C VAL B 146 -0.38 -41.25 16.27
N GLY B 147 -1.42 -41.60 17.00
CA GLY B 147 -1.37 -41.56 18.46
C GLY B 147 -1.25 -40.11 18.91
N ASP B 148 -0.18 -39.79 19.66
CA ASP B 148 0.05 -38.39 20.05
C ASP B 148 1.07 -37.67 19.18
N GLN B 149 1.48 -38.29 18.06
CA GLN B 149 2.49 -37.76 17.17
C GLN B 149 1.89 -37.25 15.89
N LEU B 150 2.57 -36.31 15.29
CA LEU B 150 2.19 -35.73 14.02
C LEU B 150 3.38 -36.00 13.08
N HIS B 151 3.11 -36.52 11.91
CA HIS B 151 4.16 -36.72 10.93
C HIS B 151 3.87 -35.93 9.68
N LEU B 152 4.94 -35.50 9.00
CA LEU B 152 4.79 -34.91 7.66
C LEU B 152 4.19 -36.00 6.74
N ASN B 153 3.53 -35.61 5.64
CA ASN B 153 3.08 -36.62 4.68
C ASN B 153 4.34 -37.38 4.13
N PRO B 154 4.28 -38.72 4.06
CA PRO B 154 5.45 -39.47 3.59
C PRO B 154 5.97 -39.03 2.21
N GLN B 155 5.13 -38.39 1.39
CA GLN B 155 5.52 -37.87 0.07
C GLN B 155 6.60 -36.75 0.17
N VAL B 156 6.64 -36.02 1.29
CA VAL B 156 7.62 -34.93 1.46
C VAL B 156 9.08 -35.42 1.29
N ALA B 157 9.45 -36.47 2.00
CA ALA B 157 10.80 -37.05 1.90
C ALA B 157 11.00 -37.84 0.58
N LYS B 158 9.93 -38.48 0.09
CA LYS B 158 9.99 -39.26 -1.13
C LYS B 158 10.28 -38.37 -2.34
#